data_5TVJ
#
_entry.id   5TVJ
#
_cell.length_a   175.106
_cell.length_b   175.106
_cell.length_c   122.940
_cell.angle_alpha   90.00
_cell.angle_beta   90.00
_cell.angle_gamma   120.00
#
_symmetry.space_group_name_H-M   'H 3 2'
#
loop_
_entity.id
_entity.type
_entity.pdbx_description
1 polymer 'Enhanced intracellular survival protein'
2 non-polymer 'COENZYME A'
3 non-polymer 1-(4-fluorophenyl)-2-[2-(4-methylphenyl)-2-oxoethyl]pyrrolo[1,2-a]pyrazin-2-ium
4 non-polymer GLYCEROL
5 non-polymer 'CHLORIDE ION'
6 water water
#
_entity_poly.entity_id   1
_entity_poly.type   'polypeptide(L)'
_entity_poly.pdbx_seq_one_letter_code
;MGSSHHHHHHSSGLVPRGSHMTVTLCSPTEDDWPGMFLLAAASFTDFIGPESATAWRTLVPTDGAVVVRDGAGPGSEVVG
MALYMDLRLTVPGEVVLPTAGLSFVAVAPTHRRRGLLRAMCAELHRRIADSGYPVAALHASEGGIYGRFGYGPATTLHEL
TVDRRFARFHADAPGGGLGGSSVRLVRPTEHRGEFEAIYERWRQQVPGGLLRPQVLWDELLAEAKAAPGGDRESFALLHP
DGYALYRVDRTDLKLARVSELRAVTADAHCALWRALIGLDSMERISIITHPQDPLPHLLTDTRLARTTWRQDGLWLRIMN
VPAALEARGYAHEVGEFSTVLEVSDGGRFALKIGDGRARCTPTDAAAEIEMDRDVLGSLYLGAHRASTLAAANRLRTKDS
QLLRRLDAAFASDVPVQTAFEF
;
_entity_poly.pdbx_strand_id   A
#
# COMPACT_ATOMS: atom_id res chain seq x y z
N VAL A 23 -32.29 12.70 -5.82
CA VAL A 23 -30.91 12.25 -5.47
C VAL A 23 -30.75 12.06 -3.95
N THR A 24 -31.01 10.83 -3.50
CA THR A 24 -30.87 10.44 -2.09
C THR A 24 -29.59 9.64 -1.90
N LEU A 25 -29.08 9.62 -0.66
CA LEU A 25 -27.87 8.89 -0.31
C LEU A 25 -28.20 7.90 0.81
N CYS A 26 -27.90 6.61 0.61
CA CYS A 26 -28.18 5.60 1.64
C CYS A 26 -27.39 4.31 1.45
N SER A 27 -27.43 3.44 2.45
CA SER A 27 -26.77 2.14 2.37
C SER A 27 -27.50 1.28 1.37
N PRO A 28 -26.77 0.59 0.49
CA PRO A 28 -27.46 -0.26 -0.47
C PRO A 28 -28.15 -1.47 0.15
N THR A 29 -29.25 -1.90 -0.47
CA THR A 29 -29.92 -3.15 -0.15
C THR A 29 -29.39 -4.20 -1.12
N GLU A 30 -29.76 -5.45 -0.92
CA GLU A 30 -29.35 -6.53 -1.81
C GLU A 30 -29.71 -6.26 -3.28
N ASP A 31 -30.87 -5.61 -3.50
CA ASP A 31 -31.35 -5.30 -4.83
C ASP A 31 -30.51 -4.25 -5.56
N ASP A 32 -29.72 -3.47 -4.84
CA ASP A 32 -28.90 -2.44 -5.45
C ASP A 32 -27.62 -2.97 -6.10
N TRP A 33 -27.18 -4.16 -5.69
CA TRP A 33 -25.87 -4.65 -6.13
C TRP A 33 -25.70 -4.87 -7.63
N PRO A 34 -26.73 -5.40 -8.32
CA PRO A 34 -26.61 -5.44 -9.78
C PRO A 34 -26.38 -4.06 -10.42
N GLY A 35 -27.10 -3.03 -9.98
CA GLY A 35 -26.84 -1.66 -10.45
C GLY A 35 -25.43 -1.17 -10.13
N MET A 36 -24.94 -1.56 -8.97
CA MET A 36 -23.59 -1.21 -8.55
C MET A 36 -22.56 -1.88 -9.45
N PHE A 37 -22.77 -3.16 -9.77
CA PHE A 37 -21.86 -3.88 -10.67
C PHE A 37 -21.88 -3.35 -12.10
N LEU A 38 -23.05 -2.86 -12.54
CA LEU A 38 -23.18 -2.19 -13.84
C LEU A 38 -22.33 -0.94 -13.85
N LEU A 39 -22.50 -0.08 -12.83
CA LEU A 39 -21.70 1.12 -12.70
C LEU A 39 -20.20 0.77 -12.70
N ALA A 40 -19.84 -0.29 -11.96
CA ALA A 40 -18.44 -0.73 -11.83
C ALA A 40 -17.83 -1.15 -13.16
N ALA A 41 -18.57 -1.98 -13.89
CA ALA A 41 -18.13 -2.43 -15.20
C ALA A 41 -17.87 -1.24 -16.17
N ALA A 42 -18.67 -0.19 -16.06
CA ALA A 42 -18.51 1.00 -16.91
C ALA A 42 -17.45 1.99 -16.44
N SER A 43 -17.06 1.89 -15.16
CA SER A 43 -16.18 2.89 -14.55
C SER A 43 -14.75 2.38 -14.44
N PHE A 44 -14.59 1.07 -14.28
CA PHE A 44 -13.28 0.46 -14.03
C PHE A 44 -12.94 -0.54 -15.13
N THR A 45 -11.87 -0.27 -15.86
CA THR A 45 -11.47 -1.14 -16.97
C THR A 45 -10.98 -2.49 -16.45
N ASP A 46 -10.29 -2.45 -15.31
CA ASP A 46 -9.78 -3.66 -14.68
C ASP A 46 -10.88 -4.41 -13.89
N PHE A 47 -12.15 -4.25 -14.28
CA PHE A 47 -13.23 -4.77 -13.46
C PHE A 47 -13.20 -6.30 -13.45
N ILE A 48 -13.59 -6.82 -12.30
CA ILE A 48 -13.18 -8.10 -11.78
C ILE A 48 -14.27 -9.14 -12.08
N GLY A 49 -15.43 -8.67 -12.52
CA GLY A 49 -16.59 -9.54 -12.75
C GLY A 49 -17.35 -9.81 -11.46
N PRO A 50 -18.63 -10.20 -11.57
CA PRO A 50 -19.50 -10.39 -10.40
C PRO A 50 -19.04 -11.47 -9.42
N GLU A 51 -18.43 -12.55 -9.91
CA GLU A 51 -18.03 -13.66 -9.04
C GLU A 51 -17.01 -13.22 -7.99
N SER A 52 -15.95 -12.56 -8.45
CA SER A 52 -14.89 -12.06 -7.59
C SER A 52 -15.29 -10.81 -6.80
N ALA A 53 -16.14 -9.96 -7.39
CA ALA A 53 -16.70 -8.82 -6.67
C ALA A 53 -17.44 -9.27 -5.41
N THR A 54 -18.15 -10.38 -5.52
CA THR A 54 -18.88 -10.97 -4.40
C THR A 54 -17.93 -11.52 -3.33
N ALA A 55 -16.75 -11.99 -3.72
CA ALA A 55 -15.72 -12.37 -2.77
C ALA A 55 -15.15 -11.17 -2.00
N TRP A 56 -14.72 -10.12 -2.70
CA TRP A 56 -14.25 -8.87 -2.06
C TRP A 56 -15.31 -8.26 -1.14
N ARG A 57 -16.58 -8.50 -1.47
CA ARG A 57 -17.69 -7.97 -0.69
C ARG A 57 -17.70 -8.49 0.74
N THR A 58 -17.18 -9.69 0.97
CA THR A 58 -17.09 -10.24 2.33
C THR A 58 -16.21 -9.38 3.27
N LEU A 59 -15.41 -8.45 2.73
CA LEU A 59 -14.57 -7.56 3.55
C LEU A 59 -15.24 -6.22 3.85
N VAL A 60 -16.41 -6.01 3.28
CA VAL A 60 -17.16 -4.79 3.50
C VAL A 60 -18.08 -5.00 4.70
N PRO A 61 -17.90 -4.22 5.77
CA PRO A 61 -18.80 -4.44 6.91
C PRO A 61 -20.20 -3.97 6.62
N THR A 62 -21.14 -4.40 7.45
CA THR A 62 -22.48 -3.81 7.47
C THR A 62 -22.36 -2.29 7.58
N ASP A 63 -23.11 -1.57 6.76
CA ASP A 63 -23.01 -0.09 6.71
C ASP A 63 -21.67 0.46 6.17
N GLY A 64 -20.87 -0.40 5.55
CA GLY A 64 -19.63 0.04 4.94
C GLY A 64 -19.77 0.59 3.53
N ALA A 65 -20.98 0.59 2.98
CA ALA A 65 -21.22 1.05 1.61
C ALA A 65 -22.30 2.11 1.54
N VAL A 66 -22.13 3.04 0.60
CA VAL A 66 -23.17 4.00 0.27
C VAL A 66 -23.45 3.99 -1.24
N VAL A 67 -24.70 4.28 -1.60
CA VAL A 67 -25.09 4.45 -3.01
C VAL A 67 -25.94 5.68 -3.15
N VAL A 68 -25.91 6.25 -4.34
CA VAL A 68 -26.72 7.39 -4.67
C VAL A 68 -27.66 6.95 -5.78
N ARG A 69 -28.96 7.04 -5.55
CA ARG A 69 -29.95 6.67 -6.56
C ARG A 69 -30.55 7.92 -7.20
N ASP A 70 -30.95 7.80 -8.47
CA ASP A 70 -31.58 8.89 -9.19
C ASP A 70 -33.09 8.77 -9.10
N GLY A 71 -33.66 9.37 -8.06
CA GLY A 71 -35.09 9.29 -7.79
C GLY A 71 -35.41 9.57 -6.33
N SER A 76 -35.67 3.62 -9.96
CA SER A 76 -34.52 4.50 -9.98
C SER A 76 -33.20 3.72 -9.94
N GLU A 77 -32.25 4.15 -10.78
CA GLU A 77 -30.96 3.47 -10.91
C GLU A 77 -29.85 4.08 -10.04
N VAL A 78 -28.77 3.33 -9.87
CA VAL A 78 -27.64 3.77 -9.04
C VAL A 78 -26.63 4.53 -9.88
N VAL A 79 -26.39 5.79 -9.48
CA VAL A 79 -25.53 6.73 -10.20
C VAL A 79 -24.27 7.13 -9.42
N GLY A 80 -24.13 6.61 -8.21
CA GLY A 80 -22.95 6.84 -7.39
C GLY A 80 -22.81 5.75 -6.34
N MET A 81 -21.58 5.38 -6.04
CA MET A 81 -21.31 4.42 -4.99
C MET A 81 -19.92 4.63 -4.43
N ALA A 82 -19.75 4.18 -3.19
CA ALA A 82 -18.47 4.16 -2.52
C ALA A 82 -18.56 3.23 -1.32
N LEU A 83 -17.45 2.65 -0.94
CA LEU A 83 -17.44 1.78 0.22
C LEU A 83 -16.06 1.68 0.86
N TYR A 84 -16.01 1.05 2.03
CA TYR A 84 -14.73 0.74 2.64
C TYR A 84 -14.70 -0.71 3.11
N MET A 85 -13.48 -1.22 3.20
CA MET A 85 -13.25 -2.58 3.65
C MET A 85 -12.48 -2.53 4.96
N ASP A 86 -12.73 -3.54 5.78
CA ASP A 86 -12.04 -3.68 7.05
C ASP A 86 -10.65 -4.30 6.85
N LEU A 87 -9.61 -3.50 7.02
CA LEU A 87 -8.25 -3.97 6.82
C LEU A 87 -7.42 -3.83 8.09
N ARG A 88 -6.25 -4.45 8.09
CA ARG A 88 -5.28 -4.36 9.17
C ARG A 88 -3.94 -3.94 8.60
N LEU A 89 -3.50 -2.76 8.98
CA LEU A 89 -2.32 -2.15 8.42
C LEU A 89 -1.19 -2.15 9.45
N THR A 90 0.00 -2.55 9.02
CA THR A 90 1.17 -2.48 9.89
C THR A 90 1.83 -1.12 9.72
N VAL A 91 2.20 -0.51 10.85
CA VAL A 91 2.87 0.79 10.84
C VAL A 91 4.20 0.64 11.59
N PRO A 92 5.12 1.62 11.48
CA PRO A 92 6.42 1.43 12.14
C PRO A 92 6.31 1.07 13.64
N GLY A 93 7.24 0.23 14.09
CA GLY A 93 7.15 -0.37 15.42
C GLY A 93 6.40 -1.70 15.39
N GLU A 94 6.09 -2.20 14.20
CA GLU A 94 5.35 -3.46 14.05
C GLU A 94 3.99 -3.43 14.74
N VAL A 95 3.37 -2.25 14.78
CA VAL A 95 2.04 -2.08 15.34
C VAL A 95 1.02 -2.25 14.22
N VAL A 96 -0.05 -2.98 14.51
CA VAL A 96 -1.11 -3.26 13.54
C VAL A 96 -2.35 -2.44 13.91
N LEU A 97 -2.82 -1.62 12.96
CA LEU A 97 -3.99 -0.76 13.15
C LEU A 97 -5.21 -1.19 12.32
N PRO A 98 -6.41 -1.13 12.92
CA PRO A 98 -7.62 -1.25 12.13
C PRO A 98 -7.65 -0.12 11.11
N THR A 99 -7.95 -0.44 9.86
CA THR A 99 -7.86 0.56 8.80
C THR A 99 -9.04 0.42 7.87
N ALA A 100 -9.66 1.54 7.52
CA ALA A 100 -10.75 1.56 6.56
C ALA A 100 -10.19 1.79 5.17
N GLY A 101 -10.26 0.76 4.34
CA GLY A 101 -9.74 0.81 2.97
C GLY A 101 -10.83 1.18 1.99
N LEU A 102 -10.83 2.44 1.57
CA LEU A 102 -11.79 2.95 0.58
C LEU A 102 -11.54 2.27 -0.76
N SER A 103 -12.63 1.95 -1.46
CA SER A 103 -12.56 1.30 -2.75
C SER A 103 -13.89 1.39 -3.47
N PHE A 104 -13.88 0.94 -4.73
CA PHE A 104 -15.12 0.78 -5.49
C PHE A 104 -15.89 2.08 -5.60
N VAL A 105 -15.15 3.19 -5.65
CA VAL A 105 -15.75 4.53 -5.68
C VAL A 105 -15.97 4.91 -7.13
N ALA A 106 -17.16 5.42 -7.43
CA ALA A 106 -17.55 5.72 -8.80
C ALA A 106 -18.75 6.63 -8.86
N VAL A 107 -18.70 7.56 -9.81
CA VAL A 107 -19.82 8.44 -10.12
C VAL A 107 -20.13 8.24 -11.60
N ALA A 108 -21.40 8.03 -11.92
CA ALA A 108 -21.82 7.82 -13.31
C ALA A 108 -21.38 9.01 -14.19
N PRO A 109 -21.02 8.71 -15.45
CA PRO A 109 -20.61 9.78 -16.36
C PRO A 109 -21.72 10.78 -16.64
N THR A 110 -22.96 10.33 -16.47
CA THR A 110 -24.14 11.15 -16.60
C THR A 110 -24.40 12.11 -15.45
N HIS A 111 -23.70 11.95 -14.31
CA HIS A 111 -23.94 12.75 -13.10
C HIS A 111 -22.67 13.39 -12.53
N ARG A 112 -21.72 13.71 -13.39
CA ARG A 112 -20.50 14.39 -12.98
C ARG A 112 -20.79 15.81 -12.48
N ARG A 113 -19.81 16.36 -11.76
CA ARG A 113 -19.83 17.76 -11.29
C ARG A 113 -21.11 18.17 -10.53
N ARG A 114 -21.69 17.21 -9.82
CA ARG A 114 -22.96 17.42 -9.13
C ARG A 114 -22.85 17.28 -7.61
N GLY A 115 -21.62 17.18 -7.10
CA GLY A 115 -21.38 17.07 -5.66
C GLY A 115 -21.54 15.68 -5.06
N LEU A 116 -21.72 14.67 -5.89
CA LEU A 116 -21.95 13.30 -5.42
C LEU A 116 -20.75 12.68 -4.67
N LEU A 117 -19.56 12.84 -5.22
CA LEU A 117 -18.37 12.33 -4.59
C LEU A 117 -18.18 12.95 -3.20
N ARG A 118 -18.24 14.28 -3.13
CA ARG A 118 -18.07 15.01 -1.87
C ARG A 118 -19.08 14.53 -0.83
N ALA A 119 -20.32 14.31 -1.26
CA ALA A 119 -21.35 13.80 -0.35
C ALA A 119 -21.09 12.36 0.08
N MET A 120 -20.68 11.49 -0.85
CA MET A 120 -20.43 10.10 -0.50
C MET A 120 -19.22 9.96 0.43
N CYS A 121 -18.16 10.72 0.13
CA CYS A 121 -16.94 10.70 0.94
C CYS A 121 -17.21 11.21 2.35
N ALA A 122 -18.02 12.27 2.47
CA ALA A 122 -18.30 12.86 3.77
C ALA A 122 -19.08 11.90 4.67
N GLU A 123 -20.07 11.22 4.09
CA GLU A 123 -20.85 10.21 4.80
C GLU A 123 -20.00 9.01 5.20
N LEU A 124 -19.15 8.53 4.30
CA LEU A 124 -18.29 7.38 4.64
C LEU A 124 -17.30 7.77 5.73
N HIS A 125 -16.72 8.96 5.62
CA HIS A 125 -15.78 9.43 6.63
C HIS A 125 -16.41 9.58 8.02
N ARG A 126 -17.65 10.03 8.06
CA ARG A 126 -18.42 10.13 9.30
C ARG A 126 -18.56 8.74 9.92
N ARG A 127 -19.00 7.77 9.11
CA ARG A 127 -19.20 6.39 9.58
C ARG A 127 -17.90 5.74 10.02
N ILE A 128 -16.82 6.03 9.28
CA ILE A 128 -15.50 5.50 9.61
C ILE A 128 -15.01 6.05 10.93
N ALA A 129 -15.07 7.37 11.08
CA ALA A 129 -14.70 8.02 12.34
C ALA A 129 -15.54 7.48 13.50
N ASP A 130 -16.86 7.43 13.34
CA ASP A 130 -17.75 6.99 14.43
C ASP A 130 -17.56 5.51 14.80
N SER A 131 -17.11 4.71 13.83
CA SER A 131 -16.85 3.29 14.07
C SER A 131 -15.55 3.03 14.86
N GLY A 132 -14.68 4.03 14.95
CA GLY A 132 -13.42 3.90 15.69
C GLY A 132 -12.15 3.58 14.94
N TYR A 133 -12.15 3.71 13.61
CA TYR A 133 -10.90 3.58 12.84
C TYR A 133 -10.01 4.82 13.05
N PRO A 134 -8.74 4.61 13.43
CA PRO A 134 -7.83 5.75 13.54
C PRO A 134 -7.30 6.24 12.19
N VAL A 135 -7.33 5.38 11.17
CA VAL A 135 -6.89 5.75 9.82
C VAL A 135 -7.76 5.13 8.75
N ALA A 136 -7.84 5.83 7.62
CA ALA A 136 -8.39 5.28 6.40
C ALA A 136 -7.30 5.26 5.33
N ALA A 137 -7.52 4.48 4.28
CA ALA A 137 -6.53 4.32 3.23
C ALA A 137 -7.15 3.93 1.88
N LEU A 138 -6.40 4.21 0.82
CA LEU A 138 -6.84 3.92 -0.54
C LEU A 138 -5.67 3.89 -1.53
N HIS A 139 -5.96 3.31 -2.71
CA HIS A 139 -5.11 3.41 -3.91
C HIS A 139 -5.77 4.36 -4.92
N ALA A 140 -5.00 5.30 -5.46
CA ALA A 140 -5.56 6.39 -6.26
C ALA A 140 -5.59 6.06 -7.76
N SER A 141 -6.77 6.19 -8.38
CA SER A 141 -6.88 6.06 -9.83
C SER A 141 -6.23 7.26 -10.54
N GLU A 142 -6.27 8.42 -9.89
CA GLU A 142 -5.57 9.61 -10.37
C GLU A 142 -5.01 10.38 -9.16
N GLY A 143 -3.82 10.95 -9.28
CA GLY A 143 -3.15 11.55 -8.12
C GLY A 143 -3.63 12.90 -7.62
N GLY A 144 -4.65 13.49 -8.24
CA GLY A 144 -5.07 14.87 -7.93
C GLY A 144 -6.46 15.04 -7.35
N ILE A 145 -7.12 13.91 -7.07
CA ILE A 145 -8.49 13.91 -6.56
C ILE A 145 -8.55 13.86 -5.02
N TYR A 146 -7.48 13.38 -4.39
CA TYR A 146 -7.57 12.83 -3.02
C TYR A 146 -7.06 13.72 -1.91
N GLY A 147 -6.07 14.56 -2.23
CA GLY A 147 -5.52 15.52 -1.29
C GLY A 147 -6.56 16.36 -0.62
N ARG A 148 -7.61 16.74 -1.35
CA ARG A 148 -8.59 17.65 -0.78
C ARG A 148 -9.53 16.96 0.23
N PHE A 149 -9.57 15.63 0.22
CA PHE A 149 -10.32 14.86 1.21
C PHE A 149 -9.46 14.36 2.37
N GLY A 150 -8.24 14.88 2.48
CA GLY A 150 -7.36 14.57 3.60
C GLY A 150 -6.39 13.41 3.42
N TYR A 151 -6.36 12.79 2.23
CA TYR A 151 -5.45 11.68 1.94
C TYR A 151 -4.12 12.16 1.35
N GLY A 152 -3.01 11.65 1.89
CA GLY A 152 -1.67 11.93 1.37
C GLY A 152 -1.00 10.64 0.93
N PRO A 153 -0.19 10.69 -0.14
CA PRO A 153 0.47 9.46 -0.59
C PRO A 153 1.51 9.05 0.43
N ALA A 154 1.51 7.79 0.85
CA ALA A 154 2.34 7.34 1.98
C ALA A 154 3.33 6.22 1.70
N THR A 155 3.22 5.58 0.52
CA THR A 155 4.20 4.59 0.08
C THR A 155 4.52 4.89 -1.37
N THR A 156 5.72 4.50 -1.78
CA THR A 156 6.19 4.76 -3.13
C THR A 156 6.49 3.47 -3.85
N LEU A 157 5.94 3.31 -5.05
CA LEU A 157 6.16 2.14 -5.89
C LEU A 157 7.24 2.45 -6.92
N HIS A 158 8.15 1.50 -7.07
CA HIS A 158 9.31 1.60 -7.94
C HIS A 158 9.29 0.37 -8.85
N GLU A 159 9.21 0.55 -10.16
CA GLU A 159 9.42 -0.57 -11.08
C GLU A 159 10.89 -0.68 -11.44
N LEU A 160 11.45 -1.86 -11.21
CA LEU A 160 12.79 -2.20 -11.68
C LEU A 160 12.67 -3.21 -12.82
N THR A 161 13.44 -2.96 -13.87
CA THR A 161 13.56 -3.88 -14.99
C THR A 161 15.03 -4.22 -15.13
N VAL A 162 15.34 -5.51 -14.98
CA VAL A 162 16.69 -6.01 -15.04
C VAL A 162 16.92 -6.71 -16.38
N ASP A 163 17.94 -6.29 -17.14
CA ASP A 163 18.36 -7.03 -18.33
C ASP A 163 19.21 -8.18 -17.84
N ARG A 164 18.59 -9.35 -17.70
CA ARG A 164 19.25 -10.47 -17.04
C ARG A 164 20.38 -11.13 -17.83
N ARG A 165 20.57 -10.74 -19.08
CA ARG A 165 21.65 -11.32 -19.88
C ARG A 165 23.01 -10.84 -19.39
N PHE A 166 23.08 -9.62 -18.88
CA PHE A 166 24.33 -9.05 -18.36
C PHE A 166 24.49 -9.22 -16.85
N ALA A 167 23.46 -9.74 -16.18
CA ALA A 167 23.43 -9.77 -14.74
C ALA A 167 24.40 -10.78 -14.18
N ARG A 168 25.28 -10.29 -13.31
CA ARG A 168 26.23 -11.09 -12.56
C ARG A 168 26.13 -10.66 -11.11
N PHE A 169 26.13 -11.62 -10.19
CA PHE A 169 26.09 -11.31 -8.77
C PHE A 169 27.47 -10.96 -8.20
N HIS A 170 27.47 -10.04 -7.25
CA HIS A 170 28.66 -9.63 -6.53
C HIS A 170 29.24 -10.77 -5.69
N ALA A 171 30.56 -10.79 -5.52
CA ALA A 171 31.20 -11.80 -4.68
C ALA A 171 30.60 -11.84 -3.27
N ASP A 172 30.26 -10.66 -2.75
CA ASP A 172 29.66 -10.51 -1.41
C ASP A 172 28.24 -11.07 -1.25
N ALA A 173 27.50 -11.19 -2.35
CA ALA A 173 26.09 -11.61 -2.29
C ALA A 173 25.91 -13.02 -1.69
N PRO A 174 24.87 -13.20 -0.84
CA PRO A 174 24.61 -14.52 -0.22
C PRO A 174 24.16 -15.62 -1.19
N GLY A 175 24.17 -16.87 -0.71
CA GLY A 175 23.62 -18.00 -1.45
C GLY A 175 24.31 -18.35 -2.76
N GLY A 176 25.64 -18.23 -2.79
CA GLY A 176 26.44 -18.63 -3.94
C GLY A 176 27.70 -19.36 -3.50
N GLY A 177 27.53 -20.30 -2.57
CA GLY A 177 28.65 -21.04 -1.99
C GLY A 177 29.13 -22.18 -2.88
N LEU A 178 28.73 -23.40 -2.55
CA LEU A 178 29.11 -24.59 -3.33
C LEU A 178 28.31 -25.82 -2.90
N GLY A 179 27.07 -25.91 -3.36
CA GLY A 179 26.20 -27.04 -3.05
C GLY A 179 24.87 -26.98 -3.79
N GLY A 180 23.81 -27.46 -3.14
CA GLY A 180 22.46 -27.44 -3.70
C GLY A 180 21.82 -26.06 -3.59
N SER A 181 20.68 -25.89 -4.25
CA SER A 181 19.89 -24.67 -4.10
C SER A 181 18.77 -24.88 -3.10
N SER A 182 18.47 -23.82 -2.36
CA SER A 182 17.38 -23.84 -1.39
C SER A 182 16.03 -23.48 -2.02
N VAL A 183 16.04 -23.00 -3.27
CA VAL A 183 14.82 -22.55 -3.96
C VAL A 183 14.25 -23.61 -4.90
N ARG A 184 12.93 -23.74 -4.90
CA ARG A 184 12.23 -24.67 -5.80
C ARG A 184 11.24 -23.96 -6.71
N LEU A 185 11.12 -24.47 -7.92
CA LEU A 185 10.16 -23.98 -8.90
C LEU A 185 8.91 -24.83 -8.74
N VAL A 186 7.77 -24.22 -8.48
CA VAL A 186 6.58 -24.99 -8.14
C VAL A 186 5.31 -24.38 -8.70
N ARG A 187 4.24 -25.18 -8.69
CA ARG A 187 2.92 -24.69 -9.06
C ARG A 187 2.33 -23.97 -7.85
N PRO A 188 1.91 -22.72 -8.02
CA PRO A 188 1.35 -21.94 -6.92
C PRO A 188 0.25 -22.65 -6.13
N THR A 189 -0.72 -23.23 -6.84
CA THR A 189 -1.90 -23.82 -6.19
C THR A 189 -1.59 -25.00 -5.28
N GLU A 190 -0.41 -25.60 -5.41
CA GLU A 190 -0.04 -26.77 -4.61
C GLU A 190 0.73 -26.42 -3.34
N HIS A 191 1.02 -25.13 -3.12
CA HIS A 191 1.81 -24.70 -1.96
C HIS A 191 1.21 -23.45 -1.31
N ARG A 192 -0.12 -23.42 -1.25
CA ARG A 192 -0.86 -22.28 -0.73
C ARG A 192 -0.46 -21.98 0.71
N GLY A 193 -0.38 -23.03 1.53
CA GLY A 193 -0.08 -22.91 2.94
C GLY A 193 1.28 -22.32 3.24
N GLU A 194 2.27 -22.66 2.41
CA GLU A 194 3.62 -22.11 2.60
C GLU A 194 3.67 -20.62 2.21
N PHE A 195 2.94 -20.24 1.16
CA PHE A 195 2.86 -18.83 0.76
C PHE A 195 2.16 -18.03 1.85
N GLU A 196 1.03 -18.54 2.36
CA GLU A 196 0.28 -17.87 3.43
C GLU A 196 1.17 -17.60 4.63
N ALA A 197 1.89 -18.62 5.06
CA ALA A 197 2.72 -18.49 6.25
C ALA A 197 3.83 -17.49 6.03
N ILE A 198 4.48 -17.55 4.87
CA ILE A 198 5.55 -16.57 4.56
C ILE A 198 5.00 -15.14 4.53
N TYR A 199 3.87 -14.94 3.84
CA TYR A 199 3.26 -13.62 3.72
C TYR A 199 2.87 -13.06 5.11
N GLU A 200 2.21 -13.90 5.91
CA GLU A 200 1.80 -13.50 7.28
C GLU A 200 3.00 -12.96 8.08
N ARG A 201 4.13 -13.65 8.06
CA ARG A 201 5.34 -13.16 8.71
C ARG A 201 5.82 -11.82 8.14
N TRP A 202 5.80 -11.72 6.82
CA TRP A 202 6.21 -10.50 6.13
C TRP A 202 5.35 -9.32 6.57
N ARG A 203 4.03 -9.49 6.51
CA ARG A 203 3.13 -8.37 6.68
C ARG A 203 3.16 -7.80 8.10
N GLN A 204 3.43 -8.67 9.08
CA GLN A 204 3.52 -8.25 10.49
C GLN A 204 4.79 -7.49 10.81
N GLN A 205 5.83 -7.60 10.00
CA GLN A 205 7.06 -6.87 10.32
C GLN A 205 7.41 -5.71 9.39
N VAL A 206 6.57 -5.45 8.39
CA VAL A 206 6.87 -4.40 7.42
C VAL A 206 5.82 -3.28 7.45
N PRO A 207 6.25 -2.03 7.66
CA PRO A 207 5.30 -0.93 7.51
C PRO A 207 4.68 -0.91 6.09
N GLY A 208 3.34 -0.86 6.04
CA GLY A 208 2.61 -0.99 4.81
C GLY A 208 2.01 -2.38 4.67
N GLY A 209 2.43 -3.32 5.51
CA GLY A 209 1.88 -4.67 5.45
C GLY A 209 0.39 -4.68 5.69
N LEU A 210 -0.31 -5.54 4.96
CA LEU A 210 -1.73 -5.77 5.17
C LEU A 210 -2.00 -7.26 5.38
N LEU A 211 -2.88 -7.58 6.32
CA LEU A 211 -3.39 -8.94 6.47
C LEU A 211 -4.11 -9.31 5.18
N ARG A 212 -3.80 -10.48 4.64
CA ARG A 212 -4.50 -10.99 3.47
C ARG A 212 -5.45 -12.11 3.90
N PRO A 213 -6.75 -11.84 3.99
CA PRO A 213 -7.72 -12.88 4.41
C PRO A 213 -7.90 -14.01 3.40
N GLN A 214 -8.59 -15.07 3.81
CA GLN A 214 -8.72 -16.28 2.99
C GLN A 214 -9.26 -16.02 1.58
N VAL A 215 -10.32 -15.24 1.49
CA VAL A 215 -10.92 -14.93 0.20
C VAL A 215 -9.94 -14.31 -0.78
N LEU A 216 -8.98 -13.52 -0.30
CA LEU A 216 -8.00 -12.89 -1.19
C LEU A 216 -6.91 -13.85 -1.65
N TRP A 217 -6.52 -14.80 -0.80
CA TRP A 217 -5.74 -15.95 -1.28
C TRP A 217 -6.51 -16.79 -2.32
N ASP A 218 -7.82 -17.00 -2.12
CA ASP A 218 -8.62 -17.70 -3.14
C ASP A 218 -8.48 -16.95 -4.47
N GLU A 219 -8.70 -15.65 -4.41
CA GLU A 219 -8.62 -14.80 -5.60
C GLU A 219 -7.24 -14.81 -6.24
N LEU A 220 -6.20 -14.70 -5.42
CA LEU A 220 -4.82 -14.64 -5.93
C LEU A 220 -4.46 -15.93 -6.69
N LEU A 221 -4.72 -17.08 -6.10
CA LEU A 221 -4.43 -18.36 -6.74
C LEU A 221 -5.28 -18.67 -7.99
N ALA A 222 -6.49 -18.11 -8.06
CA ALA A 222 -7.31 -18.25 -9.26
C ALA A 222 -6.68 -17.50 -10.43
N GLU A 223 -6.13 -16.31 -10.17
CA GLU A 223 -5.42 -15.54 -11.21
C GLU A 223 -4.14 -16.23 -11.69
N ALA A 224 -3.62 -17.18 -10.91
CA ALA A 224 -2.40 -17.90 -11.26
C ALA A 224 -2.55 -18.83 -12.48
N LYS A 225 -3.78 -19.23 -12.79
CA LYS A 225 -4.03 -20.06 -13.98
C LYS A 225 -4.07 -19.23 -15.27
N ALA A 226 -3.65 -19.84 -16.37
CA ALA A 226 -3.69 -19.20 -17.69
C ALA A 226 -5.13 -18.94 -18.12
N ALA A 227 -5.32 -17.90 -18.91
CA ALA A 227 -6.65 -17.56 -19.43
C ALA A 227 -6.60 -17.54 -20.96
N PRO A 228 -7.65 -18.07 -21.62
CA PRO A 228 -7.66 -18.12 -23.09
C PRO A 228 -7.69 -16.72 -23.70
N GLY A 229 -6.61 -16.35 -24.39
CA GLY A 229 -6.46 -15.00 -24.94
C GLY A 229 -6.29 -13.95 -23.86
N GLY A 230 -5.70 -14.36 -22.74
CA GLY A 230 -5.48 -13.48 -21.59
C GLY A 230 -4.08 -13.64 -21.06
N ASP A 231 -3.95 -13.68 -19.75
CA ASP A 231 -2.65 -13.86 -19.10
C ASP A 231 -2.20 -15.32 -19.16
N ARG A 232 -0.88 -15.51 -19.08
CA ARG A 232 -0.26 -16.84 -19.16
C ARG A 232 -0.20 -17.47 -17.79
N GLU A 233 0.14 -18.75 -17.73
CA GLU A 233 0.28 -19.45 -16.46
C GLU A 233 1.33 -18.78 -15.57
N SER A 234 1.07 -18.76 -14.26
CA SER A 234 2.01 -18.25 -13.28
C SER A 234 2.78 -19.37 -12.61
N PHE A 235 4.05 -19.10 -12.33
CA PHE A 235 4.89 -20.03 -11.61
C PHE A 235 5.38 -19.39 -10.34
N ALA A 236 5.90 -20.21 -9.45
CA ALA A 236 6.42 -19.74 -8.19
C ALA A 236 7.80 -20.30 -7.94
N LEU A 237 8.60 -19.48 -7.29
CA LEU A 237 9.88 -19.86 -6.73
C LEU A 237 9.72 -19.80 -5.21
N LEU A 238 9.98 -20.91 -4.53
CA LEU A 238 9.69 -21.07 -3.12
C LEU A 238 10.97 -21.39 -2.35
N HIS A 239 11.19 -20.61 -1.29
CA HIS A 239 12.31 -20.74 -0.37
C HIS A 239 11.66 -20.84 1.02
N PRO A 240 12.32 -21.49 2.00
CA PRO A 240 11.68 -21.58 3.33
C PRO A 240 11.24 -20.21 3.93
N ASP A 241 11.97 -19.15 3.59
CA ASP A 241 11.72 -17.78 4.10
C ASP A 241 11.34 -16.76 3.01
N GLY A 242 10.83 -17.23 1.88
CA GLY A 242 10.36 -16.31 0.84
C GLY A 242 9.79 -16.98 -0.39
N TYR A 243 9.04 -16.21 -1.18
CA TYR A 243 8.54 -16.67 -2.45
C TYR A 243 8.45 -15.53 -3.45
N ALA A 244 8.44 -15.91 -4.73
CA ALA A 244 8.20 -15.00 -5.84
C ALA A 244 7.15 -15.65 -6.72
N LEU A 245 6.17 -14.86 -7.18
CA LEU A 245 5.20 -15.29 -8.16
C LEU A 245 5.47 -14.52 -9.44
N TYR A 246 5.51 -15.22 -10.57
CA TYR A 246 5.81 -14.57 -11.83
C TYR A 246 5.11 -15.21 -13.02
N ARG A 247 5.10 -14.47 -14.13
CA ARG A 247 4.63 -14.98 -15.40
C ARG A 247 5.27 -14.22 -16.55
N VAL A 248 5.36 -14.88 -17.70
CA VAL A 248 5.81 -14.23 -18.93
C VAL A 248 4.74 -13.22 -19.35
N ASP A 249 5.18 -12.05 -19.82
CA ASP A 249 4.23 -11.02 -20.31
C ASP A 249 3.48 -11.56 -21.52
N ARG A 250 2.21 -11.18 -21.66
CA ARG A 250 1.37 -11.77 -22.70
C ARG A 250 1.80 -11.39 -24.12
N THR A 251 2.31 -10.17 -24.32
CA THR A 251 2.72 -9.72 -25.67
C THR A 251 4.23 -9.74 -25.88
N ASP A 252 5.00 -9.30 -24.87
CA ASP A 252 6.47 -9.38 -24.92
C ASP A 252 6.93 -10.70 -24.29
N LEU A 253 7.22 -11.69 -25.12
CA LEU A 253 7.56 -13.03 -24.65
C LEU A 253 8.99 -13.16 -24.10
N LYS A 254 9.77 -12.08 -24.16
CA LYS A 254 11.10 -12.07 -23.55
C LYS A 254 11.09 -11.34 -22.20
N LEU A 255 9.90 -10.96 -21.72
CA LEU A 255 9.75 -10.27 -20.43
C LEU A 255 9.00 -11.14 -19.40
N ALA A 256 9.64 -11.36 -18.25
CA ALA A 256 8.98 -12.02 -17.13
C ALA A 256 8.57 -10.96 -16.11
N ARG A 257 7.31 -10.99 -15.71
CA ARG A 257 6.79 -10.04 -14.73
C ARG A 257 6.62 -10.73 -13.38
N VAL A 258 7.36 -10.25 -12.38
CA VAL A 258 7.19 -10.71 -11.01
C VAL A 258 6.02 -9.94 -10.41
N SER A 259 4.90 -10.63 -10.18
CA SER A 259 3.71 -9.97 -9.63
C SER A 259 3.85 -9.73 -8.13
N GLU A 260 4.60 -10.61 -7.45
CA GLU A 260 4.78 -10.53 -6.01
C GLU A 260 6.03 -11.28 -5.56
N LEU A 261 6.88 -10.60 -4.79
CA LEU A 261 8.06 -11.18 -4.19
C LEU A 261 8.05 -10.82 -2.72
N ARG A 262 8.00 -11.82 -1.86
CA ARG A 262 7.96 -11.59 -0.43
C ARG A 262 9.03 -12.41 0.25
N ALA A 263 9.93 -11.72 0.94
CA ALA A 263 11.08 -12.35 1.59
C ALA A 263 11.25 -11.80 2.99
N VAL A 264 11.54 -12.70 3.93
CA VAL A 264 11.70 -12.39 5.36
C VAL A 264 13.18 -12.22 5.74
N THR A 265 14.09 -12.94 5.08
CA THR A 265 15.52 -12.80 5.33
C THR A 265 16.22 -12.28 4.07
N ALA A 266 17.43 -11.75 4.24
CA ALA A 266 18.24 -11.32 3.11
C ALA A 266 18.67 -12.52 2.24
N ASP A 267 18.96 -13.64 2.88
CA ASP A 267 19.26 -14.87 2.17
C ASP A 267 18.14 -15.27 1.22
N ALA A 268 16.90 -15.22 1.71
CA ALA A 268 15.75 -15.61 0.90
C ALA A 268 15.63 -14.70 -0.32
N HIS A 269 15.79 -13.40 -0.08
CA HIS A 269 15.70 -12.40 -1.12
C HIS A 269 16.76 -12.59 -2.20
N CYS A 270 18.01 -12.76 -1.80
CA CYS A 270 19.08 -13.02 -2.78
C CYS A 270 18.88 -14.34 -3.55
N ALA A 271 18.57 -15.41 -2.84
CA ALA A 271 18.35 -16.72 -3.46
C ALA A 271 17.24 -16.69 -4.51
N LEU A 272 16.14 -16.02 -4.18
CA LEU A 272 15.04 -15.87 -5.13
C LEU A 272 15.48 -15.10 -6.38
N TRP A 273 16.29 -14.06 -6.22
CA TRP A 273 16.79 -13.30 -7.36
C TRP A 273 17.84 -14.05 -8.18
N ARG A 274 18.63 -14.88 -7.53
CA ARG A 274 19.49 -15.81 -8.27
C ARG A 274 18.65 -16.72 -9.17
N ALA A 275 17.56 -17.25 -8.65
CA ALA A 275 16.69 -18.09 -9.47
C ALA A 275 16.03 -17.29 -10.59
N LEU A 276 15.54 -16.08 -10.29
CA LEU A 276 14.88 -15.27 -11.33
C LEU A 276 15.83 -14.91 -12.47
N ILE A 277 17.06 -14.59 -12.15
CA ILE A 277 18.06 -14.27 -13.16
C ILE A 277 18.51 -15.52 -13.94
N GLY A 278 18.28 -16.69 -13.37
CA GLY A 278 18.46 -17.94 -14.11
C GLY A 278 17.35 -18.32 -15.08
N LEU A 279 16.35 -17.45 -15.30
CA LEU A 279 15.36 -17.67 -16.35
C LEU A 279 15.97 -17.35 -17.72
N ASP A 280 16.74 -18.29 -18.26
CA ASP A 280 17.51 -18.07 -19.49
C ASP A 280 16.71 -17.86 -20.79
N SER A 281 15.42 -18.16 -20.80
CA SER A 281 14.55 -17.79 -21.93
C SER A 281 14.21 -16.29 -22.00
N MET A 282 14.32 -15.58 -20.88
CA MET A 282 13.91 -14.18 -20.82
C MET A 282 15.08 -13.24 -21.04
N GLU A 283 14.82 -12.09 -21.63
CA GLU A 283 15.79 -11.00 -21.72
C GLU A 283 15.72 -10.12 -20.47
N ARG A 284 14.49 -9.84 -20.03
CA ARG A 284 14.22 -8.88 -18.96
C ARG A 284 13.33 -9.48 -17.87
N ILE A 285 13.65 -9.16 -16.61
CA ILE A 285 12.80 -9.43 -15.45
C ILE A 285 12.36 -8.09 -14.86
N SER A 286 11.06 -7.92 -14.65
CA SER A 286 10.54 -6.68 -14.05
C SER A 286 9.75 -6.96 -12.79
N ILE A 287 9.77 -6.00 -11.89
CA ILE A 287 9.02 -6.11 -10.63
C ILE A 287 8.59 -4.73 -10.17
N ILE A 288 7.40 -4.64 -9.57
CA ILE A 288 7.00 -3.44 -8.86
C ILE A 288 7.41 -3.61 -7.42
N THR A 289 8.36 -2.79 -7.00
CA THR A 289 8.95 -2.93 -5.68
C THR A 289 8.99 -1.58 -4.96
N HIS A 290 9.91 -1.40 -4.01
CA HIS A 290 10.00 -0.15 -3.25
C HIS A 290 11.40 0.48 -3.42
N PRO A 291 11.55 1.77 -3.07
CA PRO A 291 12.80 2.49 -3.34
C PRO A 291 14.04 1.96 -2.66
N GLN A 292 13.88 1.23 -1.55
CA GLN A 292 15.00 0.65 -0.82
C GLN A 292 15.26 -0.83 -1.13
N ASP A 293 14.69 -1.35 -2.22
CA ASP A 293 14.96 -2.74 -2.62
C ASP A 293 16.46 -2.91 -2.84
N PRO A 294 17.08 -3.89 -2.17
CA PRO A 294 18.54 -4.05 -2.28
C PRO A 294 19.04 -4.70 -3.57
N LEU A 295 18.12 -5.17 -4.41
CA LEU A 295 18.49 -5.82 -5.66
C LEU A 295 19.62 -5.16 -6.41
N PRO A 296 19.57 -3.85 -6.65
CA PRO A 296 20.66 -3.27 -7.44
C PRO A 296 22.06 -3.49 -6.86
N HIS A 297 22.17 -3.63 -5.53
CA HIS A 297 23.46 -3.83 -4.83
C HIS A 297 23.90 -5.29 -4.79
N LEU A 298 23.02 -6.18 -5.21
CA LEU A 298 23.33 -7.59 -5.36
C LEU A 298 24.17 -7.86 -6.62
N LEU A 299 24.10 -6.96 -7.60
CA LEU A 299 24.78 -7.13 -8.88
C LEU A 299 26.10 -6.36 -8.93
N THR A 300 27.00 -6.80 -9.80
CA THR A 300 28.26 -6.12 -10.01
C THR A 300 28.06 -4.78 -10.76
N ASP A 301 27.03 -4.72 -11.59
CA ASP A 301 26.65 -3.48 -12.30
C ASP A 301 25.28 -3.00 -11.81
N THR A 302 25.29 -2.05 -10.88
CA THR A 302 24.06 -1.52 -10.27
C THR A 302 23.06 -0.94 -11.29
N ARG A 303 23.60 -0.42 -12.39
CA ARG A 303 22.81 0.18 -13.47
C ARG A 303 21.89 -0.79 -14.20
N LEU A 304 22.25 -2.08 -14.20
CA LEU A 304 21.45 -3.11 -14.88
C LEU A 304 20.03 -3.20 -14.35
N ALA A 305 19.84 -2.78 -13.10
CA ALA A 305 18.51 -2.68 -12.51
C ALA A 305 17.95 -1.28 -12.77
N ARG A 306 17.36 -1.09 -13.94
CA ARG A 306 16.80 0.19 -14.35
C ARG A 306 15.47 0.45 -13.68
N THR A 307 15.28 1.68 -13.21
CA THR A 307 14.01 2.14 -12.68
C THR A 307 13.21 2.60 -13.87
N THR A 308 12.19 1.83 -14.25
CA THR A 308 11.39 2.11 -15.43
C THR A 308 10.07 2.82 -15.11
N TRP A 309 9.76 3.02 -13.83
CA TRP A 309 8.48 3.59 -13.42
C TRP A 309 8.46 3.93 -11.94
N ARG A 310 7.81 5.03 -11.59
CA ARG A 310 7.77 5.47 -10.22
C ARG A 310 6.46 6.17 -9.97
N GLN A 311 5.79 5.77 -8.89
CA GLN A 311 4.46 6.26 -8.59
C GLN A 311 4.12 6.07 -7.11
N ASP A 312 3.21 6.91 -6.61
CA ASP A 312 2.59 6.74 -5.29
C ASP A 312 1.84 5.41 -5.16
N GLY A 313 1.92 4.78 -3.99
CA GLY A 313 1.20 3.53 -3.73
C GLY A 313 -0.02 3.72 -2.85
N LEU A 314 0.12 3.41 -1.56
CA LEU A 314 -0.96 3.59 -0.58
C LEU A 314 -1.09 5.06 -0.21
N TRP A 315 -2.32 5.55 -0.13
CA TRP A 315 -2.61 6.87 0.40
C TRP A 315 -3.30 6.71 1.74
N LEU A 316 -2.97 7.61 2.67
CA LEU A 316 -3.48 7.56 4.04
C LEU A 316 -4.21 8.85 4.42
N ARG A 317 -5.38 8.70 5.06
CA ARG A 317 -6.03 9.80 5.77
C ARG A 317 -6.05 9.42 7.24
N ILE A 318 -5.37 10.22 8.06
CA ILE A 318 -5.39 10.05 9.52
C ILE A 318 -6.75 10.56 10.01
N MET A 319 -7.53 9.66 10.61
CA MET A 319 -8.89 10.00 11.06
C MET A 319 -8.85 10.62 12.46
N ASN A 320 -7.97 10.07 13.29
CA ASN A 320 -7.78 10.53 14.66
C ASN A 320 -6.29 10.77 14.91
N VAL A 321 -5.91 12.04 14.97
CA VAL A 321 -4.51 12.42 15.05
C VAL A 321 -3.82 11.87 16.31
N PRO A 322 -4.40 12.08 17.50
CA PRO A 322 -3.70 11.56 18.66
C PRO A 322 -3.61 10.02 18.75
N ALA A 323 -4.66 9.31 18.38
CA ALA A 323 -4.59 7.86 18.38
C ALA A 323 -3.53 7.36 17.40
N ALA A 324 -3.50 7.94 16.21
CA ALA A 324 -2.54 7.52 15.20
C ALA A 324 -1.11 7.84 15.60
N LEU A 325 -0.87 9.06 16.08
CA LEU A 325 0.49 9.44 16.46
C LEU A 325 0.99 8.66 17.67
N GLU A 326 0.10 8.38 18.62
CA GLU A 326 0.49 7.62 19.80
C GLU A 326 0.68 6.12 19.54
N ALA A 327 -0.03 5.58 18.54
CA ALA A 327 0.05 4.13 18.26
C ALA A 327 1.36 3.70 17.60
N ARG A 328 1.92 4.60 16.82
CA ARG A 328 3.13 4.36 16.02
C ARG A 328 4.39 4.35 16.89
N GLY A 329 5.38 3.53 16.54
CA GLY A 329 6.71 3.61 17.15
C GLY A 329 7.61 4.59 16.42
N TYR A 330 8.58 5.15 17.12
CA TYR A 330 9.45 6.20 16.58
C TYR A 330 10.91 5.82 16.78
N ALA A 331 11.80 6.51 16.08
CA ALA A 331 13.22 6.15 16.10
C ALA A 331 13.83 6.47 17.47
N HIS A 332 14.48 5.48 18.06
CA HIS A 332 15.15 5.63 19.36
C HIS A 332 16.37 6.54 19.32
N GLU A 333 16.96 6.70 18.13
CA GLU A 333 18.23 7.42 17.98
C GLU A 333 18.10 8.90 18.34
N VAL A 334 16.99 9.52 17.94
CA VAL A 334 16.73 10.91 18.31
C VAL A 334 16.40 11.05 19.79
N GLY A 335 16.91 12.11 20.41
CA GLY A 335 16.69 12.34 21.82
C GLY A 335 15.32 12.96 22.05
N GLU A 336 14.78 12.76 23.24
CA GLU A 336 13.49 13.34 23.63
C GLU A 336 13.34 14.82 23.24
N PHE A 337 12.20 15.16 22.64
CA PHE A 337 11.84 16.54 22.32
C PHE A 337 10.31 16.71 22.35
N SER A 338 9.88 17.96 22.47
CA SER A 338 8.47 18.33 22.58
C SER A 338 8.19 19.47 21.62
N THR A 339 7.02 19.46 21.01
CA THR A 339 6.63 20.53 20.13
C THR A 339 5.11 20.70 20.16
N VAL A 340 4.61 21.65 19.39
CA VAL A 340 3.17 21.83 19.23
C VAL A 340 2.83 21.77 17.74
N LEU A 341 1.91 20.86 17.41
CA LEU A 341 1.52 20.60 16.05
C LEU A 341 0.06 20.95 15.84
N GLU A 342 -0.19 21.87 14.90
CA GLU A 342 -1.53 22.12 14.41
C GLU A 342 -1.76 21.38 13.09
N VAL A 343 -2.82 20.58 13.04
CA VAL A 343 -3.34 20.06 11.78
C VAL A 343 -4.47 20.99 11.36
N SER A 344 -4.44 21.45 10.11
CA SER A 344 -5.28 22.56 9.66
C SER A 344 -6.76 22.54 10.07
N ASP A 345 -7.44 21.41 9.96
CA ASP A 345 -8.80 21.33 10.52
C ASP A 345 -8.95 20.04 11.33
N GLY A 346 -7.91 19.73 12.08
CA GLY A 346 -7.81 18.47 12.80
C GLY A 346 -7.27 18.59 14.21
N GLY A 347 -7.27 19.82 14.75
CA GLY A 347 -6.87 20.08 16.14
C GLY A 347 -5.44 20.58 16.30
N ARG A 348 -5.13 21.00 17.52
CA ARG A 348 -3.77 21.36 17.87
C ARG A 348 -3.34 20.52 19.05
N PHE A 349 -2.11 20.00 18.99
CA PHE A 349 -1.62 19.06 19.99
C PHE A 349 -0.21 19.35 20.51
N ALA A 350 -0.01 19.10 21.80
CA ALA A 350 1.31 19.03 22.37
C ALA A 350 1.84 17.64 22.06
N LEU A 351 2.94 17.59 21.32
CA LEU A 351 3.52 16.33 20.88
C LEU A 351 4.85 16.14 21.57
N LYS A 352 4.96 15.08 22.35
CA LYS A 352 6.19 14.75 23.04
C LYS A 352 6.64 13.39 22.55
N ILE A 353 7.88 13.31 22.10
CA ILE A 353 8.44 12.08 21.55
C ILE A 353 9.74 11.75 22.26
N GLY A 354 9.85 10.54 22.78
CA GLY A 354 11.08 10.08 23.42
C GLY A 354 11.00 8.59 23.65
N ASP A 355 12.16 7.93 23.63
CA ASP A 355 12.25 6.49 23.86
C ASP A 355 11.39 5.70 22.86
N GLY A 356 11.35 6.21 21.63
CA GLY A 356 10.60 5.57 20.58
C GLY A 356 9.08 5.62 20.69
N ARG A 357 8.56 6.37 21.66
CA ARG A 357 7.12 6.50 21.83
C ARG A 357 6.73 7.97 21.79
N ALA A 358 5.45 8.22 21.48
CA ALA A 358 4.94 9.59 21.48
C ALA A 358 3.73 9.74 22.39
N ARG A 359 3.65 10.90 23.02
CA ARG A 359 2.43 11.37 23.66
C ARG A 359 1.90 12.61 22.95
N CYS A 360 0.59 12.63 22.73
CA CYS A 360 -0.04 13.65 21.89
C CYS A 360 -1.35 14.11 22.56
N THR A 361 -1.32 15.28 23.19
CA THR A 361 -2.43 15.78 24.00
C THR A 361 -2.96 17.15 23.51
N PRO A 362 -4.23 17.46 23.82
CA PRO A 362 -4.77 18.75 23.39
C PRO A 362 -4.05 19.95 24.01
N THR A 363 -3.97 21.05 23.29
CA THR A 363 -3.39 22.26 23.84
C THR A 363 -3.89 23.46 23.05
N ASP A 364 -3.87 24.63 23.68
CA ASP A 364 -4.13 25.87 22.95
C ASP A 364 -2.86 26.73 22.88
N ALA A 365 -1.71 26.18 23.28
CA ALA A 365 -0.44 26.89 23.14
C ALA A 365 -0.11 27.16 21.66
N ALA A 366 0.70 28.18 21.42
CA ALA A 366 1.04 28.57 20.03
C ALA A 366 1.66 27.39 19.26
N ALA A 367 1.28 27.25 17.99
CA ALA A 367 1.80 26.18 17.15
C ALA A 367 3.24 26.46 16.70
N GLU A 368 4.06 25.41 16.72
CA GLU A 368 5.39 25.46 16.11
C GLU A 368 5.43 24.82 14.72
N ILE A 369 4.47 23.93 14.44
CA ILE A 369 4.37 23.28 13.14
C ILE A 369 2.92 23.24 12.69
N GLU A 370 2.66 23.67 11.47
CA GLU A 370 1.33 23.54 10.87
C GLU A 370 1.42 22.73 9.59
N MET A 371 0.38 21.94 9.32
CA MET A 371 0.29 21.20 8.07
C MET A 371 -1.15 20.77 7.88
N ASP A 372 -1.56 20.63 6.63
CA ASP A 372 -2.85 20.01 6.31
C ASP A 372 -2.81 18.54 6.69
N ARG A 373 -3.99 17.96 6.84
CA ARG A 373 -4.14 16.60 7.30
C ARG A 373 -3.50 15.54 6.37
N ASP A 374 -3.57 15.78 5.06
CA ASP A 374 -3.00 14.85 4.09
C ASP A 374 -1.48 14.77 4.23
N VAL A 375 -0.85 15.89 4.60
CA VAL A 375 0.60 15.95 4.78
C VAL A 375 1.01 15.01 5.90
N LEU A 376 0.21 14.97 6.95
CA LEU A 376 0.50 14.09 8.08
C LEU A 376 0.45 12.61 7.65
N GLY A 377 -0.51 12.24 6.81
CA GLY A 377 -0.57 10.88 6.24
C GLY A 377 0.68 10.52 5.45
N SER A 378 1.17 11.47 4.66
CA SER A 378 2.41 11.29 3.90
C SER A 378 3.65 11.10 4.77
N LEU A 379 3.66 11.71 5.95
CA LEU A 379 4.75 11.50 6.89
C LEU A 379 4.61 10.20 7.68
N TYR A 380 3.40 9.67 7.76
CA TYR A 380 3.09 8.75 8.86
C TYR A 380 3.82 7.42 8.81
N LEU A 381 4.03 6.85 7.62
CA LEU A 381 4.78 5.61 7.49
C LEU A 381 6.28 5.81 7.15
N GLY A 382 6.78 7.04 7.22
CA GLY A 382 8.19 7.32 7.01
C GLY A 382 8.69 7.37 5.57
N ALA A 383 7.81 7.42 4.60
CA ALA A 383 8.19 7.44 3.17
C ALA A 383 8.62 8.80 2.64
N HIS A 384 8.11 9.87 3.25
CA HIS A 384 8.49 11.22 2.87
C HIS A 384 9.08 11.94 4.07
N ARG A 385 10.08 12.77 3.82
CA ARG A 385 10.76 13.52 4.87
C ARG A 385 10.06 14.85 5.12
N ALA A 386 9.92 15.21 6.39
CA ALA A 386 9.33 16.49 6.77
C ALA A 386 10.08 17.68 6.12
N SER A 387 11.41 17.60 6.05
CA SER A 387 12.25 18.60 5.36
C SER A 387 11.82 18.84 3.93
N THR A 388 11.51 17.77 3.23
CA THR A 388 11.11 17.86 1.83
C THR A 388 9.75 18.54 1.67
N LEU A 389 8.81 18.17 2.53
CA LEU A 389 7.48 18.78 2.52
C LEU A 389 7.56 20.24 2.96
N ALA A 390 8.47 20.54 3.89
CA ALA A 390 8.73 21.92 4.29
C ALA A 390 9.25 22.76 3.14
N ALA A 391 10.15 22.20 2.34
CA ALA A 391 10.71 22.91 1.19
C ALA A 391 9.64 23.28 0.16
N ALA A 392 8.56 22.51 0.10
CA ALA A 392 7.41 22.86 -0.74
C ALA A 392 6.38 23.71 0.01
N ASN A 393 6.73 24.15 1.22
CA ASN A 393 5.80 24.86 2.10
C ASN A 393 4.48 24.14 2.39
N ARG A 394 4.52 22.81 2.36
CA ARG A 394 3.37 22.00 2.69
C ARG A 394 3.31 21.73 4.19
N LEU A 395 4.41 21.95 4.89
CA LEU A 395 4.36 22.10 6.34
C LEU A 395 5.22 23.29 6.75
N ARG A 396 4.64 24.15 7.59
CA ARG A 396 5.26 25.41 7.99
C ARG A 396 5.84 25.31 9.39
N THR A 397 7.04 25.84 9.55
CA THR A 397 7.67 26.01 10.86
C THR A 397 8.80 27.04 10.72
N LYS A 398 9.15 27.68 11.82
CA LYS A 398 10.24 28.64 11.84
C LYS A 398 11.35 28.11 12.74
N ASP A 399 11.66 26.83 12.60
CA ASP A 399 12.69 26.19 13.40
C ASP A 399 13.23 24.96 12.66
N SER A 400 14.41 25.08 12.09
CA SER A 400 14.98 24.00 11.29
C SER A 400 15.47 22.83 12.15
N GLN A 401 15.93 23.11 13.37
CA GLN A 401 16.25 22.04 14.32
C GLN A 401 15.06 21.10 14.55
N LEU A 402 13.87 21.68 14.65
CA LEU A 402 12.65 20.89 14.78
C LEU A 402 12.42 20.03 13.54
N LEU A 403 12.64 20.58 12.35
CA LEU A 403 12.53 19.80 11.13
C LEU A 403 13.44 18.58 11.16
N ARG A 404 14.71 18.79 11.50
CA ARG A 404 15.65 17.68 11.61
C ARG A 404 15.14 16.65 12.59
N ARG A 405 14.61 17.11 13.72
CA ARG A 405 14.09 16.19 14.72
C ARG A 405 12.90 15.35 14.24
N LEU A 406 11.99 16.00 13.51
CA LEU A 406 10.84 15.29 12.95
C LEU A 406 11.25 14.30 11.89
N ASP A 407 12.10 14.73 10.96
CA ASP A 407 12.70 13.82 9.97
C ASP A 407 13.19 12.55 10.64
N ALA A 408 14.03 12.70 11.66
CA ALA A 408 14.66 11.55 12.32
C ALA A 408 13.65 10.67 13.06
N ALA A 409 12.75 11.31 13.81
CA ALA A 409 11.79 10.57 14.63
C ALA A 409 10.81 9.76 13.79
N PHE A 410 10.30 10.35 12.70
CA PHE A 410 9.26 9.71 11.88
C PHE A 410 9.82 8.69 10.91
N ALA A 411 11.15 8.63 10.77
CA ALA A 411 11.77 7.69 9.85
C ALA A 411 11.53 6.27 10.33
N SER A 412 11.54 5.33 9.38
CA SER A 412 11.29 3.93 9.68
C SER A 412 12.55 3.12 9.53
N ASP A 413 12.90 2.41 10.58
CA ASP A 413 14.02 1.46 10.56
C ASP A 413 13.85 0.48 9.39
N VAL A 414 12.74 -0.27 9.38
CA VAL A 414 12.39 -1.18 8.30
C VAL A 414 11.73 -0.38 7.17
N PRO A 415 12.25 -0.52 5.94
CA PRO A 415 11.71 0.34 4.88
C PRO A 415 10.24 0.06 4.55
N VAL A 416 9.50 1.12 4.25
CA VAL A 416 8.07 1.03 3.98
C VAL A 416 7.79 0.45 2.59
N GLN A 417 6.79 -0.44 2.53
CA GLN A 417 6.46 -1.19 1.33
C GLN A 417 4.95 -1.16 1.11
N THR A 418 4.53 -1.69 -0.02
CA THR A 418 3.13 -1.68 -0.41
C THR A 418 2.73 -3.12 -0.57
N ALA A 419 1.61 -3.47 0.05
CA ALA A 419 1.23 -4.86 0.24
C ALA A 419 0.51 -5.38 -0.99
N PHE A 420 -0.70 -4.89 -1.21
CA PHE A 420 -1.47 -5.29 -2.36
C PHE A 420 -2.52 -4.24 -2.64
N GLU A 421 -2.94 -4.16 -3.89
CA GLU A 421 -3.88 -3.17 -4.35
C GLU A 421 -5.29 -3.58 -3.93
N PHE A 422 -6.10 -2.59 -3.57
CA PHE A 422 -7.49 -2.82 -3.16
C PHE A 422 -8.33 -1.63 -3.60
#